data_7HL0
#
_entry.id   7HL0
#
_cell.length_a   83.350
_cell.length_b   117.780
_cell.length_c   149.990
_cell.angle_alpha   90.00
_cell.angle_beta   90.00
_cell.angle_gamma   90.00
#
_symmetry.space_group_name_H-M   'I 2 2 2'
#
loop_
_entity.id
_entity.type
_entity.pdbx_description
1 polymer 'Genome polyprotein'
2 non-polymer 'ZINC ION'
3 non-polymer '2-(N-MORPHOLINO)-ETHANESULFONIC ACID'
4 non-polymer 'DIMETHYL SULFOXIDE'
5 non-polymer 'PHOSPHATE ION'
6 non-polymer DI(HYDROXYETHYL)ETHER
7 non-polymer 4-IODOPYRAZOLE
8 water water
#
_entity_poly.entity_id   1
_entity_poly.type   'polypeptide(L)'
_entity_poly.pdbx_seq_one_letter_code
;GPGIESETPNLDIIGKRIEKIKQEHETSWHYDQDHPYKTWAYHGSYETKQTGSASSMVNGVVRLLTKPWDIIPMVTQMAM
TDTTPFGQQRVFKEKVDTRTQEPKEGTKKLMKITAEWLWKELGKKKTPRMCTREEFTRKVRSNAALGAIFTDENKWKSAR
EAVEDSGFWELVDKERNLHLEGKCETCVYNMMGKREKKLGEFGKAKGSRAIWYMWLGARFLEFEALGFLNEDHWFSRENS
LSGVEGEGLHKLGYILRDVSKKEGGAMYADDTAGWDTRITLEDLKNEEMVTNHMEGEHKKLAEAIFKLTYQNKVVRVQRP
TPRGTVMDIISRRDQRGSGQVVTYGLNTFTNMEAQLIRQMEGEGVFKSIQHLTVTEEIAVKNWLVRVGRERLSRMAISGD
DCVVKPLDDRFASALTALNDMGKVRKDIQQWEPSRGWNDWTQVPFCSHHFHELIMKDGRVLVVPCRNQDELIGRARISQG
AGWSLRETACLGKSYAQMWSLMYFHRRDLRLAANAICSAVPSHWVPTSRTTWSIHATHEWMTTEDMLTVWNRVWIQENPW
MEDKTPVESWEEIPYLGKREDQWCGSLIGLTSRATWAKNIQTAINQVRSLIGNEEYTDYMPSMKRFRREEEEAGVLW
;
_entity_poly.pdbx_strand_id   A
#
loop_
_chem_comp.id
_chem_comp.type
_chem_comp.name
_chem_comp.formula
DMS non-polymer 'DIMETHYL SULFOXIDE' 'C2 H6 O S'
MES non-polymer '2-(N-MORPHOLINO)-ETHANESULFONIC ACID' 'C6 H13 N O4 S'
PEG non-polymer DI(HYDROXYETHYL)ETHER 'C4 H10 O3'
PO4 non-polymer 'PHOSPHATE ION' 'O4 P -3'
PYZ non-polymer 4-IODOPYRAZOLE 'C3 H3 I N2'
ZN non-polymer 'ZINC ION' 'Zn 2'
#
# COMPACT_ATOMS: atom_id res chain seq x y z
N ASN A 10 29.39 -6.39 10.18
CA ASN A 10 29.56 -5.26 11.13
C ASN A 10 30.43 -4.17 10.44
N LEU A 11 31.45 -3.63 11.15
CA LEU A 11 31.83 -2.18 11.13
C LEU A 11 32.61 -1.79 9.87
N ASP A 12 33.14 -2.75 9.11
CA ASP A 12 33.89 -2.42 7.86
C ASP A 12 32.91 -2.08 6.72
N ILE A 13 31.59 -2.27 6.91
CA ILE A 13 30.54 -1.91 5.89
C ILE A 13 29.75 -0.66 6.35
N ILE A 14 29.52 -0.51 7.65
CA ILE A 14 28.74 0.63 8.25
C ILE A 14 29.68 1.74 8.75
N GLY A 15 30.94 1.40 9.07
CA GLY A 15 31.92 2.33 9.66
C GLY A 15 31.95 3.68 8.97
N LYS A 16 32.20 3.69 7.65
CA LYS A 16 32.47 4.90 6.84
C LYS A 16 31.31 5.88 7.04
N ARG A 17 30.08 5.36 6.92
CA ARG A 17 28.82 6.12 7.12
C ARG A 17 28.83 6.72 8.54
N ILE A 18 29.25 5.96 9.54
CA ILE A 18 29.24 6.38 10.97
C ILE A 18 30.30 7.48 11.15
N GLU A 19 31.55 7.19 10.73
CA GLU A 19 32.71 8.12 10.74
C GLU A 19 32.27 9.52 10.30
N LYS A 20 31.61 9.61 9.14
CA LYS A 20 31.28 10.86 8.42
C LYS A 20 30.34 11.75 9.24
N ILE A 21 29.38 11.14 9.95
CA ILE A 21 28.33 11.85 10.75
C ILE A 21 28.98 12.36 12.04
N LYS A 22 29.70 11.46 12.73
CA LYS A 22 30.51 11.76 13.95
C LYS A 22 31.23 13.11 13.79
N GLN A 23 31.95 13.30 12.68
CA GLN A 23 32.77 14.51 12.40
C GLN A 23 31.89 15.76 12.27
N GLU A 24 30.74 15.67 11.61
CA GLU A 24 29.85 16.84 11.33
C GLU A 24 29.18 17.33 12.62
N HIS A 25 29.28 16.57 13.71
CA HIS A 25 28.78 16.93 15.06
C HIS A 25 29.84 16.57 16.12
N GLU A 26 31.10 16.89 15.84
CA GLU A 26 32.31 16.63 16.70
C GLU A 26 32.14 17.39 18.02
N THR A 27 31.55 18.58 17.96
CA THR A 27 31.25 19.48 19.11
C THR A 27 30.10 18.92 19.97
N SER A 28 29.47 17.81 19.59
CA SER A 28 28.30 17.22 20.32
C SER A 28 28.49 15.73 20.64
N TRP A 29 29.47 15.03 20.05
CA TRP A 29 29.56 13.55 20.14
C TRP A 29 29.70 13.11 21.60
N HIS A 30 29.15 11.95 21.93
CA HIS A 30 29.17 11.32 23.29
C HIS A 30 28.54 9.93 23.25
N TYR A 31 29.27 8.89 23.65
CA TYR A 31 28.75 7.51 23.83
C TYR A 31 27.90 7.45 25.10
N ASP A 32 26.63 7.88 25.00
CA ASP A 32 25.62 7.81 26.09
C ASP A 32 25.56 6.36 26.61
N GLN A 33 25.52 6.19 27.94
CA GLN A 33 25.55 4.88 28.65
C GLN A 33 24.13 4.45 29.04
N ASP A 34 23.21 5.42 29.16
CA ASP A 34 21.77 5.19 29.49
C ASP A 34 20.97 5.20 28.18
N HIS A 35 21.25 4.28 27.25
CA HIS A 35 20.58 4.15 25.92
C HIS A 35 19.53 3.03 25.98
N PRO A 36 18.30 3.28 25.46
CA PRO A 36 17.19 2.33 25.60
C PRO A 36 17.13 1.16 24.61
N TYR A 37 18.25 0.84 23.95
CA TYR A 37 18.34 -0.18 22.87
C TYR A 37 18.84 -1.49 23.48
N LYS A 38 18.19 -2.60 23.13
CA LYS A 38 18.69 -3.99 23.35
C LYS A 38 19.06 -4.62 21.99
N THR A 39 18.11 -4.67 21.06
CA THR A 39 18.14 -5.47 19.80
C THR A 39 18.78 -4.69 18.63
N TRP A 40 18.80 -3.35 18.71
CA TRP A 40 19.60 -2.45 17.85
C TRP A 40 21.00 -2.28 18.45
N ALA A 41 22.03 -2.19 17.60
CA ALA A 41 23.41 -1.78 17.96
C ALA A 41 23.49 -0.25 18.02
N TYR A 42 24.05 0.27 19.11
CA TYR A 42 24.16 1.72 19.43
C TYR A 42 25.57 2.20 19.07
N HIS A 43 25.71 3.48 18.69
CA HIS A 43 27.04 3.96 18.22
C HIS A 43 27.41 5.32 18.80
N GLY A 44 26.43 6.14 19.21
CA GLY A 44 26.71 7.47 19.83
C GLY A 44 25.55 8.41 19.65
N SER A 45 25.68 9.67 20.10
CA SER A 45 24.59 10.68 20.12
C SER A 45 25.17 12.08 19.91
N TYR A 46 24.36 13.02 19.39
CA TYR A 46 24.71 14.44 19.10
C TYR A 46 23.46 15.32 19.24
N GLU A 47 23.63 16.65 19.33
CA GLU A 47 22.56 17.63 19.68
C GLU A 47 21.70 17.94 18.45
N THR A 48 20.37 17.85 18.61
CA THR A 48 19.32 18.33 17.66
C THR A 48 18.13 18.86 18.45
N LYS A 49 17.14 19.47 17.79
CA LYS A 49 15.88 19.95 18.43
C LYS A 49 14.86 20.32 17.35
N GLN A 50 13.76 19.56 17.27
CA GLN A 50 12.62 19.79 16.33
C GLN A 50 11.51 18.77 16.64
N THR A 51 10.50 18.67 15.77
CA THR A 51 9.37 17.68 15.82
C THR A 51 9.95 16.27 15.87
N ALA A 54 3.97 17.22 12.79
CA ALA A 54 3.02 17.24 11.65
C ALA A 54 1.73 16.50 12.02
N SER A 55 0.63 17.23 12.29
CA SER A 55 -0.69 16.70 12.72
C SER A 55 -1.76 16.93 11.63
N SER A 56 -2.91 16.27 11.78
CA SER A 56 -3.97 16.11 10.75
C SER A 56 -5.02 17.22 10.87
N MET A 57 -5.14 18.04 9.83
CA MET A 57 -6.01 19.25 9.74
C MET A 57 -7.39 18.87 9.19
N VAL A 58 -8.44 19.65 9.49
CA VAL A 58 -9.80 19.36 8.97
C VAL A 58 -10.08 20.10 7.64
N ASN A 59 -10.61 19.38 6.66
CA ASN A 59 -11.08 19.94 5.37
C ASN A 59 -12.47 20.55 5.60
N GLY A 60 -12.58 21.89 5.57
CA GLY A 60 -13.82 22.63 5.88
C GLY A 60 -14.89 22.45 4.81
N VAL A 61 -14.48 22.31 3.55
CA VAL A 61 -15.47 22.12 2.45
C VAL A 61 -16.23 20.81 2.71
N VAL A 62 -15.56 19.71 3.01
CA VAL A 62 -16.24 18.39 3.19
C VAL A 62 -17.05 18.43 4.48
N ARG A 63 -16.52 19.01 5.57
CA ARG A 63 -17.25 18.99 6.85
C ARG A 63 -18.54 19.81 6.70
N LEU A 64 -18.51 20.96 6.03
CA LEU A 64 -19.74 21.79 5.91
C LEU A 64 -20.82 21.04 5.13
N LEU A 65 -20.46 20.16 4.21
CA LEU A 65 -21.45 19.39 3.41
C LEU A 65 -21.72 17.99 4.00
N THR A 66 -21.22 17.66 5.21
CA THR A 66 -21.54 16.40 5.93
C THR A 66 -21.91 16.66 7.42
N LYS A 67 -22.84 17.58 7.68
CA LYS A 67 -23.22 18.04 9.04
C LYS A 67 -23.72 16.91 9.95
N PRO A 68 -24.58 15.98 9.52
CA PRO A 68 -25.09 14.96 10.43
C PRO A 68 -23.96 14.21 11.15
N TRP A 69 -22.78 14.19 10.54
CA TRP A 69 -21.65 13.36 11.03
C TRP A 69 -20.85 14.16 12.08
N ASP A 70 -21.19 15.44 12.34
CA ASP A 70 -20.47 16.27 13.36
C ASP A 70 -20.74 15.75 14.78
N ILE A 71 -21.72 14.84 14.96
CA ILE A 71 -22.12 14.27 16.28
C ILE A 71 -21.86 12.75 16.35
N ILE A 72 -21.25 12.13 15.34
CA ILE A 72 -20.83 10.69 15.34
C ILE A 72 -19.38 10.59 15.83
N PRO A 73 -19.12 10.11 17.07
CA PRO A 73 -17.74 9.99 17.57
C PRO A 73 -16.76 9.23 16.65
N MET A 74 -17.19 8.14 16.01
CA MET A 74 -16.28 7.36 15.12
C MET A 74 -15.69 8.26 14.03
N VAL A 75 -16.47 9.17 13.47
CA VAL A 75 -16.03 10.17 12.45
C VAL A 75 -15.18 11.27 13.13
N THR A 76 -15.66 11.94 14.18
CA THR A 76 -14.99 13.13 14.77
C THR A 76 -13.63 12.77 15.37
N GLN A 77 -13.48 11.61 16.01
CA GLN A 77 -12.22 11.24 16.74
C GLN A 77 -11.09 10.98 15.76
N MET A 78 -11.38 10.56 14.52
CA MET A 78 -10.33 10.25 13.50
C MET A 78 -9.45 11.48 13.29
N ALA A 79 -9.98 12.68 13.53
CA ALA A 79 -9.23 13.93 13.22
C ALA A 79 -8.46 14.47 14.44
N MET A 80 -8.44 13.77 15.59
CA MET A 80 -7.69 14.20 16.82
C MET A 80 -6.36 13.43 16.93
N THR A 81 -5.37 13.98 17.65
CA THR A 81 -4.10 13.32 18.00
C THR A 81 -2.93 14.31 18.17
N PHE A 92 4.06 0.90 16.50
CA PHE A 92 4.69 0.68 17.83
C PHE A 92 6.21 0.76 17.68
N LYS A 93 6.89 1.54 18.54
CA LYS A 93 8.38 1.67 18.57
C LYS A 93 8.93 0.77 19.68
N GLU A 94 8.05 -0.03 20.33
CA GLU A 94 8.39 -1.16 21.25
C GLU A 94 8.07 -2.49 20.56
N LYS A 95 7.90 -2.46 19.22
CA LYS A 95 7.78 -3.63 18.32
C LYS A 95 8.93 -3.65 17.29
N VAL A 96 9.54 -2.49 17.02
CA VAL A 96 10.78 -2.37 16.18
C VAL A 96 11.98 -2.84 17.01
N ASP A 97 11.88 -2.81 18.35
CA ASP A 97 12.93 -3.29 19.31
C ASP A 97 12.54 -4.70 19.81
N THR A 98 12.29 -5.65 18.89
CA THR A 98 12.15 -7.12 19.14
C THR A 98 13.05 -7.89 18.15
N ARG A 99 13.55 -9.08 18.51
CA ARG A 99 14.55 -9.86 17.72
C ARG A 99 13.96 -11.19 17.26
N THR A 100 13.93 -11.43 15.94
CA THR A 100 13.41 -12.66 15.29
C THR A 100 14.47 -13.76 15.40
N GLN A 101 14.03 -15.00 15.66
CA GLN A 101 14.94 -16.19 15.76
C GLN A 101 15.31 -16.65 14.35
N GLU A 102 16.47 -17.30 14.18
CA GLU A 102 16.90 -17.92 12.91
C GLU A 102 16.09 -19.20 12.70
N PRO A 103 15.50 -19.41 11.51
CA PRO A 103 14.76 -20.64 11.23
C PRO A 103 15.59 -21.92 11.27
N LYS A 104 14.91 -23.06 11.40
CA LYS A 104 15.47 -24.44 11.25
C LYS A 104 16.03 -24.64 9.83
N GLU A 105 16.81 -25.69 9.65
CA GLU A 105 17.50 -26.05 8.38
C GLU A 105 16.46 -26.44 7.32
N GLY A 106 15.47 -27.25 7.68
CA GLY A 106 14.38 -27.67 6.78
C GLY A 106 13.61 -26.45 6.26
N THR A 107 13.31 -25.50 7.15
CA THR A 107 12.61 -24.24 6.81
C THR A 107 13.43 -23.47 5.76
N LYS A 108 14.70 -23.18 6.07
CA LYS A 108 15.68 -22.47 5.18
C LYS A 108 15.79 -23.15 3.81
N LYS A 109 15.88 -24.47 3.75
CA LYS A 109 15.94 -25.23 2.47
C LYS A 109 14.67 -24.96 1.65
N LEU A 110 13.50 -25.04 2.30
CA LEU A 110 12.15 -24.88 1.66
C LEU A 110 12.07 -23.48 1.05
N MET A 111 12.54 -22.46 1.79
CA MET A 111 12.52 -21.05 1.36
C MET A 111 13.44 -20.84 0.14
N LYS A 112 14.70 -21.31 0.17
CA LYS A 112 15.67 -21.13 -0.94
C LYS A 112 15.12 -21.79 -2.22
N ILE A 113 14.68 -23.04 -2.15
CA ILE A 113 14.12 -23.76 -3.33
C ILE A 113 12.96 -22.98 -3.95
N THR A 114 12.04 -22.48 -3.10
CA THR A 114 10.76 -21.84 -3.50
C THR A 114 11.04 -20.48 -4.14
N ALA A 115 11.93 -19.70 -3.53
CA ALA A 115 12.42 -18.39 -4.01
C ALA A 115 13.11 -18.56 -5.38
N GLU A 116 14.05 -19.51 -5.47
CA GLU A 116 14.77 -19.87 -6.74
C GLU A 116 13.73 -20.06 -7.86
N TRP A 117 12.66 -20.82 -7.61
CA TRP A 117 11.63 -21.21 -8.60
C TRP A 117 10.73 -19.99 -8.92
N LEU A 118 10.41 -19.17 -7.91
CA LEU A 118 9.46 -18.04 -8.09
C LEU A 118 10.12 -16.95 -8.95
N TRP A 119 11.38 -16.60 -8.67
CA TRP A 119 12.13 -15.61 -9.50
C TRP A 119 12.21 -16.08 -10.97
N LYS A 120 12.52 -17.35 -11.23
CA LYS A 120 12.49 -17.91 -12.61
C LYS A 120 11.12 -17.62 -13.23
N GLU A 121 10.03 -17.94 -12.53
CA GLU A 121 8.66 -17.81 -13.11
C GLU A 121 8.34 -16.35 -13.42
N LEU A 122 8.70 -15.44 -12.50
CA LEU A 122 8.39 -13.99 -12.63
C LEU A 122 9.19 -13.45 -13.83
N GLY A 123 10.34 -14.06 -14.09
CA GLY A 123 11.34 -13.59 -15.07
C GLY A 123 11.15 -14.24 -16.44
N LYS A 124 10.20 -15.16 -16.61
CA LYS A 124 10.01 -15.86 -17.91
C LYS A 124 9.65 -14.88 -19.02
N LYS A 125 8.81 -13.89 -18.77
CA LYS A 125 8.33 -12.94 -19.80
C LYS A 125 8.74 -11.50 -19.42
N LYS A 126 9.78 -11.34 -18.61
CA LYS A 126 10.27 -9.99 -18.21
C LYS A 126 11.79 -9.94 -18.30
N THR A 127 12.32 -8.74 -18.50
CA THR A 127 13.76 -8.44 -18.69
C THR A 127 14.15 -7.38 -17.67
N PRO A 128 14.89 -7.76 -16.61
CA PRO A 128 15.45 -6.79 -15.67
C PRO A 128 16.18 -5.68 -16.43
N ARG A 129 16.11 -4.44 -15.94
CA ARG A 129 16.79 -3.29 -16.57
C ARG A 129 16.89 -2.12 -15.60
N MET A 130 17.88 -1.23 -15.81
CA MET A 130 18.11 -0.03 -14.97
C MET A 130 17.05 1.01 -15.32
N CYS A 131 16.54 1.73 -14.32
CA CYS A 131 15.69 2.93 -14.53
C CYS A 131 16.61 4.15 -14.67
N THR A 132 16.12 5.28 -15.18
CA THR A 132 16.97 6.39 -15.68
C THR A 132 16.69 7.69 -14.93
N ARG A 133 17.64 8.63 -14.97
CA ARG A 133 17.50 10.01 -14.43
C ARG A 133 16.25 10.67 -15.04
N GLU A 134 16.07 10.53 -16.36
CA GLU A 134 14.93 11.11 -17.10
C GLU A 134 13.65 10.58 -16.46
N GLU A 135 13.55 9.26 -16.26
CA GLU A 135 12.38 8.55 -15.67
C GLU A 135 12.13 9.03 -14.24
N PHE A 136 13.22 9.21 -13.47
CA PHE A 136 13.20 9.67 -12.06
C PHE A 136 12.67 11.11 -11.99
N THR A 137 13.24 12.00 -12.80
CA THR A 137 12.87 13.44 -12.94
C THR A 137 11.36 13.58 -13.19
N ARG A 138 10.81 12.83 -14.13
CA ARG A 138 9.38 12.90 -14.48
C ARG A 138 8.59 12.54 -13.21
N LYS A 139 9.00 11.51 -12.48
CA LYS A 139 8.33 11.06 -11.23
C LYS A 139 8.22 12.24 -10.26
N VAL A 140 9.32 12.98 -10.04
CA VAL A 140 9.39 14.05 -9.00
C VAL A 140 8.57 15.25 -9.48
N ARG A 141 8.66 15.58 -10.77
CA ARG A 141 7.97 16.74 -11.39
C ARG A 141 6.46 16.51 -11.45
N SER A 142 5.95 15.39 -10.90
CA SER A 142 4.50 15.05 -10.85
C SER A 142 4.14 14.38 -9.51
N ASN A 143 4.77 14.82 -8.42
CA ASN A 143 4.35 14.57 -7.01
C ASN A 143 3.98 13.10 -6.76
N ALA A 144 4.96 12.18 -6.89
CA ALA A 144 4.90 10.83 -6.30
C ALA A 144 5.58 10.90 -4.94
N ALA A 145 5.08 10.16 -3.94
CA ALA A 145 5.58 10.15 -2.54
C ALA A 145 6.79 9.22 -2.42
N LEU A 146 7.99 9.70 -2.77
CA LEU A 146 9.24 8.89 -2.88
C LEU A 146 9.93 8.78 -1.51
N GLY A 147 9.48 9.55 -0.51
CA GLY A 147 10.03 9.56 0.87
C GLY A 147 11.48 10.00 0.89
N ALA A 148 11.73 11.28 0.62
CA ALA A 148 13.05 11.96 0.76
C ALA A 148 12.92 13.08 1.82
N ILE A 149 14.06 13.62 2.27
CA ILE A 149 14.15 14.68 3.31
C ILE A 149 14.37 16.04 2.62
N PHE A 150 14.31 17.13 3.39
CA PHE A 150 14.51 18.53 2.90
C PHE A 150 15.93 18.69 2.33
N ASN A 154 20.11 21.55 5.36
CA ASN A 154 19.58 21.35 3.97
C ASN A 154 20.33 22.29 3.00
N LYS A 155 20.27 21.96 1.70
CA LYS A 155 21.01 22.63 0.59
C LYS A 155 20.02 23.18 -0.46
N TRP A 156 19.17 22.31 -1.04
CA TRP A 156 17.99 22.69 -1.89
C TRP A 156 16.71 22.51 -1.06
N LYS A 157 15.67 23.29 -1.36
CA LYS A 157 14.37 23.24 -0.63
C LYS A 157 13.70 21.89 -0.92
N SER A 158 13.05 21.77 -2.09
CA SER A 158 12.19 20.63 -2.48
C SER A 158 13.03 19.59 -3.23
N ALA A 159 12.37 18.54 -3.72
CA ALA A 159 12.93 17.55 -4.67
C ALA A 159 13.12 18.22 -6.04
N ARG A 160 12.06 18.90 -6.52
CA ARG A 160 12.02 19.61 -7.83
C ARG A 160 13.35 20.33 -8.10
N GLU A 161 13.77 21.27 -7.23
CA GLU A 161 14.96 22.15 -7.43
C GLU A 161 16.24 21.33 -7.61
N ALA A 162 16.38 20.23 -6.85
CA ALA A 162 17.62 19.42 -6.77
C ALA A 162 17.89 18.67 -8.07
N VAL A 163 16.85 18.49 -8.90
CA VAL A 163 16.85 17.56 -10.07
C VAL A 163 17.42 18.27 -11.31
N GLU A 164 17.37 19.61 -11.37
CA GLU A 164 17.95 20.41 -12.50
C GLU A 164 19.41 20.78 -12.17
N ASP A 165 19.72 21.06 -10.90
CA ASP A 165 21.07 21.49 -10.45
C ASP A 165 22.07 20.34 -10.60
N SER A 166 22.97 20.48 -11.56
CA SER A 166 23.97 19.48 -11.99
C SER A 166 24.92 19.11 -10.83
N GLY A 167 24.97 19.95 -9.78
CA GLY A 167 25.78 19.70 -8.57
C GLY A 167 25.38 18.39 -7.92
N PHE A 168 24.10 18.28 -7.55
CA PHE A 168 23.40 17.05 -7.07
C PHE A 168 23.99 15.80 -7.74
N TRP A 169 23.86 15.72 -9.06
CA TRP A 169 24.24 14.52 -9.85
C TRP A 169 25.73 14.21 -9.69
N GLU A 170 26.57 15.22 -9.39
CA GLU A 170 28.02 15.00 -9.11
C GLU A 170 28.14 14.26 -7.75
N LEU A 171 27.27 14.58 -6.79
CA LEU A 171 27.20 13.88 -5.47
C LEU A 171 26.75 12.43 -5.69
N VAL A 172 25.69 12.28 -6.51
CA VAL A 172 25.05 10.98 -6.88
C VAL A 172 26.11 10.10 -7.54
N ASP A 173 26.89 10.69 -8.45
CA ASP A 173 27.99 9.99 -9.18
C ASP A 173 29.06 9.57 -8.17
N LYS A 174 29.41 10.42 -7.19
CA LYS A 174 30.45 10.08 -6.19
C LYS A 174 30.03 8.76 -5.54
N GLU A 175 28.80 8.72 -5.01
CA GLU A 175 28.25 7.56 -4.26
C GLU A 175 28.11 6.36 -5.20
N ARG A 176 27.61 6.59 -6.42
CA ARG A 176 27.44 5.54 -7.46
C ARG A 176 28.75 4.75 -7.63
N ASN A 177 29.85 5.44 -7.96
CA ASN A 177 31.21 4.86 -8.18
C ASN A 177 31.70 4.18 -6.89
N LEU A 178 31.37 4.76 -5.73
CA LEU A 178 31.56 4.12 -4.40
C LEU A 178 30.87 2.75 -4.35
N HIS A 179 29.60 2.67 -4.73
CA HIS A 179 28.82 1.39 -4.72
C HIS A 179 29.47 0.35 -5.65
N LEU A 180 30.02 0.76 -6.81
CA LEU A 180 30.78 -0.13 -7.74
C LEU A 180 32.05 -0.66 -7.03
N GLU A 181 32.66 0.17 -6.19
CA GLU A 181 33.83 -0.19 -5.33
C GLU A 181 33.40 -1.22 -4.28
N GLY A 182 32.12 -1.19 -3.85
CA GLY A 182 31.57 -2.09 -2.83
C GLY A 182 31.57 -1.47 -1.44
N LYS A 183 31.53 -0.14 -1.35
CA LYS A 183 31.45 0.66 -0.09
C LYS A 183 30.35 1.70 -0.27
N CYS A 184 29.90 2.29 0.85
CA CYS A 184 28.76 3.26 0.96
C CYS A 184 29.20 4.40 1.88
N GLU A 185 28.76 5.64 1.60
CA GLU A 185 29.11 6.82 2.44
C GLU A 185 27.86 7.56 2.92
N THR A 186 26.82 7.78 2.09
CA THR A 186 25.75 8.76 2.40
C THR A 186 24.36 8.11 2.48
N CYS A 187 24.23 6.78 2.42
CA CYS A 187 22.91 6.08 2.38
C CYS A 187 22.45 5.68 3.80
N VAL A 188 21.75 6.58 4.48
CA VAL A 188 21.41 6.47 5.94
C VAL A 188 19.91 6.72 6.13
N TYR A 189 19.26 5.82 6.89
CA TYR A 189 17.80 5.86 7.14
C TYR A 189 17.49 6.88 8.25
N ASN A 190 16.31 7.49 8.17
CA ASN A 190 15.73 8.45 9.16
C ASN A 190 14.33 7.98 9.61
N MET A 191 14.18 7.55 10.86
CA MET A 191 12.97 6.88 11.42
C MET A 191 12.05 7.90 12.11
N MET A 192 10.84 8.08 11.58
CA MET A 192 9.79 9.00 12.13
C MET A 192 8.44 8.26 12.19
N SER A 208 0.77 0.81 14.06
CA SER A 208 1.53 -0.34 13.49
C SER A 208 2.26 0.11 12.21
N ARG A 209 2.92 1.27 12.27
CA ARG A 209 3.59 1.95 11.11
C ARG A 209 4.97 2.45 11.58
N ALA A 210 5.93 2.59 10.66
CA ALA A 210 7.31 3.10 10.90
C ALA A 210 7.99 3.42 9.56
N ILE A 211 8.19 4.71 9.24
CA ILE A 211 8.55 5.20 7.87
C ILE A 211 9.99 5.74 7.88
N TRP A 212 10.83 5.18 6.99
CA TRP A 212 12.30 5.39 6.95
C TRP A 212 12.66 6.18 5.68
N TYR A 213 12.76 7.51 5.81
CA TYR A 213 13.19 8.45 4.73
C TYR A 213 14.71 8.38 4.53
N MET A 214 15.16 8.50 3.27
CA MET A 214 16.59 8.70 2.91
C MET A 214 16.69 10.07 2.25
N TRP A 215 17.90 10.58 1.96
CA TRP A 215 18.04 11.78 1.09
C TRP A 215 17.79 11.37 -0.37
N LEU A 216 17.28 12.31 -1.17
CA LEU A 216 16.84 12.09 -2.58
C LEU A 216 17.89 11.29 -3.37
N GLY A 217 19.19 11.52 -3.12
CA GLY A 217 20.29 10.84 -3.81
C GLY A 217 20.19 9.33 -3.70
N ALA A 218 20.09 8.83 -2.46
CA ALA A 218 20.06 7.39 -2.11
C ALA A 218 18.77 6.75 -2.63
N ARG A 219 17.67 7.52 -2.66
CA ARG A 219 16.37 7.14 -3.28
C ARG A 219 16.57 6.90 -4.77
N PHE A 220 17.30 7.80 -5.45
CA PHE A 220 17.56 7.66 -6.91
C PHE A 220 18.25 6.32 -7.14
N LEU A 221 19.32 6.04 -6.40
CA LEU A 221 20.20 4.84 -6.56
C LEU A 221 19.39 3.56 -6.27
N GLU A 222 18.45 3.62 -5.33
CA GLU A 222 17.52 2.51 -5.05
C GLU A 222 16.63 2.29 -6.30
N PHE A 223 16.12 3.39 -6.90
CA PHE A 223 15.19 3.39 -8.05
C PHE A 223 15.87 2.83 -9.30
N GLU A 224 17.11 3.25 -9.55
CA GLU A 224 17.91 2.86 -10.74
C GLU A 224 18.00 1.33 -10.76
N ALA A 225 18.22 0.73 -9.61
CA ALA A 225 18.61 -0.69 -9.51
C ALA A 225 17.38 -1.60 -9.39
N LEU A 226 16.29 -1.12 -8.77
CA LEU A 226 15.17 -2.02 -8.35
C LEU A 226 13.80 -1.49 -8.82
N GLY A 227 13.72 -0.25 -9.34
CA GLY A 227 12.48 0.38 -9.87
C GLY A 227 11.79 -0.48 -10.92
N PHE A 228 12.53 -1.32 -11.65
CA PHE A 228 11.93 -2.12 -12.76
C PHE A 228 10.76 -2.99 -12.24
N LEU A 229 10.82 -3.42 -10.97
CA LEU A 229 9.83 -4.32 -10.30
C LEU A 229 8.44 -3.68 -10.35
N ASN A 230 8.35 -2.40 -9.96
CA ASN A 230 7.09 -1.62 -10.05
C ASN A 230 6.86 -1.14 -11.49
N GLU A 231 7.85 -0.42 -12.08
CA GLU A 231 7.73 0.26 -13.41
C GLU A 231 7.28 -0.70 -14.52
N ASP A 232 7.68 -1.98 -14.47
CA ASP A 232 7.40 -2.98 -15.54
C ASP A 232 6.48 -4.08 -15.01
N HIS A 233 5.85 -3.86 -13.84
CA HIS A 233 4.64 -4.62 -13.43
C HIS A 233 4.96 -6.11 -13.25
N TRP A 234 5.97 -6.45 -12.48
CA TRP A 234 6.43 -7.84 -12.19
C TRP A 234 5.37 -8.58 -11.35
N PHE A 235 4.53 -7.84 -10.61
CA PHE A 235 3.51 -8.38 -9.69
C PHE A 235 2.08 -8.11 -10.20
N SER A 236 1.90 -7.78 -11.48
CA SER A 236 0.58 -7.76 -12.14
C SER A 236 -0.05 -9.16 -12.01
N ARG A 237 -1.37 -9.29 -12.11
CA ARG A 237 -1.99 -10.64 -12.06
C ARG A 237 -1.56 -11.50 -13.26
N GLU A 238 -1.48 -10.92 -14.46
CA GLU A 238 -1.09 -11.61 -15.72
C GLU A 238 0.28 -12.29 -15.52
N ASN A 239 1.25 -11.56 -14.97
CA ASN A 239 2.65 -12.02 -14.84
C ASN A 239 2.91 -12.92 -13.60
N SER A 240 2.32 -12.63 -12.43
CA SER A 240 2.64 -13.29 -11.13
C SER A 240 1.56 -14.30 -10.67
N LEU A 241 0.33 -14.26 -11.24
CA LEU A 241 -0.82 -15.18 -10.99
C LEU A 241 -1.48 -14.92 -9.61
N SER A 242 -0.72 -14.64 -8.55
CA SER A 242 -1.23 -14.30 -7.19
C SER A 242 -1.40 -12.80 -7.02
N GLY A 243 -0.60 -12.00 -7.72
CA GLY A 243 -0.47 -10.54 -7.44
C GLY A 243 -1.64 -9.75 -7.99
N VAL A 244 -1.74 -8.50 -7.57
CA VAL A 244 -2.80 -7.56 -8.03
C VAL A 244 -2.23 -6.15 -8.34
N GLU A 245 -0.91 -5.98 -8.48
CA GLU A 245 -0.31 -4.63 -8.70
C GLU A 245 -1.00 -3.98 -9.92
N GLY A 246 -1.52 -2.77 -9.75
CA GLY A 246 -2.13 -1.98 -10.84
C GLY A 246 -3.54 -2.42 -11.21
N GLU A 247 -4.19 -3.27 -10.41
CA GLU A 247 -5.54 -3.81 -10.72
C GLU A 247 -6.60 -2.71 -10.44
N GLY A 248 -6.59 -2.09 -9.26
CA GLY A 248 -7.65 -1.10 -8.89
C GLY A 248 -8.84 -1.73 -8.13
N LEU A 249 -9.49 -0.93 -7.30
N LEU A 249 -9.47 -0.94 -7.26
CA LEU A 249 -10.51 -1.34 -6.30
CA LEU A 249 -10.52 -1.39 -6.29
C LEU A 249 -11.74 -1.94 -7.00
C LEU A 249 -11.69 -2.03 -7.03
N HIS A 250 -11.96 -1.57 -8.26
CA HIS A 250 -13.11 -2.02 -9.10
C HIS A 250 -12.84 -3.38 -9.75
N LYS A 251 -11.64 -3.96 -9.58
CA LYS A 251 -11.30 -5.30 -10.12
C LYS A 251 -11.18 -6.35 -8.99
N LEU A 252 -10.81 -5.93 -7.78
CA LEU A 252 -10.44 -6.83 -6.65
C LEU A 252 -11.60 -7.76 -6.27
N GLY A 253 -12.83 -7.25 -6.21
CA GLY A 253 -14.04 -8.09 -5.99
C GLY A 253 -14.20 -9.18 -7.04
N TYR A 254 -14.08 -8.84 -8.33
CA TYR A 254 -14.14 -9.82 -9.44
C TYR A 254 -13.02 -10.85 -9.29
N ILE A 255 -11.86 -10.43 -8.82
CA ILE A 255 -10.70 -11.36 -8.65
C ILE A 255 -11.01 -12.34 -7.50
N LEU A 256 -11.49 -11.87 -6.34
CA LEU A 256 -11.93 -12.76 -5.23
C LEU A 256 -12.99 -13.77 -5.71
N ARG A 257 -14.00 -13.34 -6.47
CA ARG A 257 -15.12 -14.22 -6.93
C ARG A 257 -14.53 -15.30 -7.85
N ASP A 258 -13.54 -14.95 -8.70
CA ASP A 258 -12.91 -15.93 -9.62
C ASP A 258 -12.23 -17.00 -8.78
N VAL A 259 -11.45 -16.60 -7.78
CA VAL A 259 -10.82 -17.53 -6.82
C VAL A 259 -11.90 -18.44 -6.19
N SER A 260 -13.03 -17.88 -5.79
CA SER A 260 -14.07 -18.63 -5.05
C SER A 260 -14.57 -19.80 -5.91
N LYS A 261 -14.43 -19.69 -7.24
CA LYS A 261 -14.99 -20.60 -8.28
C LYS A 261 -14.22 -21.92 -8.31
N LYS A 262 -12.98 -21.90 -7.83
CA LYS A 262 -12.07 -23.08 -7.79
C LYS A 262 -12.60 -24.07 -6.75
N GLU A 263 -12.39 -25.36 -6.98
CA GLU A 263 -12.73 -26.42 -6.02
C GLU A 263 -11.76 -26.29 -4.85
N GLY A 264 -12.23 -26.41 -3.63
CA GLY A 264 -11.34 -26.43 -2.45
C GLY A 264 -12.08 -26.16 -1.15
N GLY A 265 -11.37 -25.66 -0.14
CA GLY A 265 -11.94 -25.44 1.20
C GLY A 265 -12.33 -23.99 1.42
N ALA A 266 -12.40 -23.57 2.68
CA ALA A 266 -12.71 -22.20 3.09
C ALA A 266 -11.72 -21.25 2.41
N MET A 267 -12.06 -19.96 2.33
CA MET A 267 -11.09 -18.87 1.99
C MET A 267 -10.44 -18.38 3.29
N TYR A 268 -9.11 -18.40 3.38
CA TYR A 268 -8.34 -17.99 4.59
C TYR A 268 -7.72 -16.62 4.30
N ALA A 269 -7.74 -15.75 5.30
CA ALA A 269 -7.24 -14.36 5.23
C ALA A 269 -6.59 -13.96 6.54
N ASP A 270 -5.51 -14.62 6.94
CA ASP A 270 -4.81 -14.36 8.22
C ASP A 270 -3.91 -13.15 8.01
N ASP A 271 -4.08 -12.12 8.83
CA ASP A 271 -3.16 -10.94 8.95
C ASP A 271 -1.95 -11.36 9.79
N THR A 272 -0.75 -10.92 9.40
CA THR A 272 0.49 -11.08 10.20
C THR A 272 0.61 -9.91 11.19
N ALA A 273 1.18 -10.20 12.36
CA ALA A 273 1.51 -9.19 13.40
C ALA A 273 2.85 -8.49 13.06
N GLY A 274 2.78 -7.25 12.57
CA GLY A 274 3.92 -6.36 12.27
C GLY A 274 4.86 -6.97 11.23
N TRP A 275 4.36 -7.20 10.02
CA TRP A 275 5.07 -7.96 8.96
C TRP A 275 6.48 -7.43 8.73
N ASP A 276 6.65 -6.10 8.68
CA ASP A 276 7.95 -5.44 8.34
C ASP A 276 8.99 -5.77 9.42
N THR A 277 8.56 -6.05 10.66
CA THR A 277 9.46 -6.35 11.81
C THR A 277 9.78 -7.85 11.89
N ARG A 278 9.14 -8.69 11.07
CA ARG A 278 9.36 -10.18 11.06
C ARG A 278 10.12 -10.62 9.81
N ILE A 279 10.66 -9.68 9.02
CA ILE A 279 11.53 -9.99 7.85
C ILE A 279 12.90 -10.39 8.38
N THR A 280 13.27 -11.66 8.21
CA THR A 280 14.54 -12.25 8.70
C THR A 280 15.64 -11.92 7.70
N LEU A 281 16.90 -12.08 8.09
CA LEU A 281 18.06 -11.91 7.16
C LEU A 281 17.94 -12.96 6.05
N GLU A 282 17.34 -14.11 6.31
CA GLU A 282 17.20 -15.24 5.36
C GLU A 282 16.21 -14.84 4.26
N ASP A 283 15.16 -14.11 4.66
CA ASP A 283 14.20 -13.43 3.74
C ASP A 283 14.96 -12.45 2.84
N LEU A 284 15.81 -11.59 3.42
CA LEU A 284 16.58 -10.55 2.63
C LEU A 284 17.53 -11.23 1.62
N LYS A 285 18.11 -12.39 1.98
CA LYS A 285 19.02 -13.17 1.10
C LYS A 285 18.24 -13.78 -0.07
N ASN A 286 17.05 -14.34 0.15
CA ASN A 286 16.26 -14.98 -0.93
C ASN A 286 15.74 -13.89 -1.88
N GLU A 287 15.46 -12.71 -1.35
CA GLU A 287 15.07 -11.52 -2.17
C GLU A 287 16.21 -11.13 -3.13
N GLU A 288 17.46 -11.15 -2.66
N GLU A 288 17.46 -11.14 -2.65
CA GLU A 288 18.66 -10.76 -3.43
CA GLU A 288 18.69 -10.79 -3.41
C GLU A 288 18.84 -11.66 -4.66
C GLU A 288 18.81 -11.65 -4.67
N MET A 289 18.37 -12.91 -4.62
CA MET A 289 18.52 -13.87 -5.75
C MET A 289 17.88 -13.32 -7.04
N VAL A 290 17.13 -12.22 -7.00
CA VAL A 290 16.68 -11.51 -8.25
C VAL A 290 17.92 -11.08 -9.05
N THR A 291 19.04 -10.72 -8.40
CA THR A 291 20.27 -10.21 -9.06
C THR A 291 20.85 -11.29 -9.98
N ASN A 292 20.64 -12.57 -9.65
CA ASN A 292 21.06 -13.72 -10.51
C ASN A 292 20.50 -13.62 -11.92
N HIS A 293 19.52 -12.74 -12.17
CA HIS A 293 18.86 -12.62 -13.50
C HIS A 293 19.39 -11.39 -14.27
N MET A 294 20.41 -10.73 -13.72
CA MET A 294 20.90 -9.41 -14.18
C MET A 294 22.29 -9.56 -14.84
N GLU A 295 22.94 -8.43 -15.18
CA GLU A 295 24.25 -8.40 -15.87
C GLU A 295 24.82 -6.97 -15.92
N GLY A 296 26.13 -6.88 -16.20
CA GLY A 296 26.88 -5.61 -16.39
C GLY A 296 26.75 -4.72 -15.17
N GLU A 297 26.85 -3.40 -15.36
CA GLU A 297 26.64 -2.38 -14.30
C GLU A 297 25.49 -2.82 -13.38
N HIS A 298 24.34 -3.19 -13.97
CA HIS A 298 23.06 -3.44 -13.24
C HIS A 298 23.31 -4.42 -12.10
N LYS A 299 23.78 -5.61 -12.42
CA LYS A 299 23.99 -6.68 -11.42
C LYS A 299 24.75 -6.10 -10.23
N LYS A 300 25.77 -5.28 -10.48
CA LYS A 300 26.70 -4.81 -9.41
C LYS A 300 25.97 -3.76 -8.58
N LEU A 301 25.29 -2.83 -9.24
CA LEU A 301 24.52 -1.75 -8.59
C LEU A 301 23.44 -2.37 -7.67
N ALA A 302 22.73 -3.40 -8.16
CA ALA A 302 21.61 -4.06 -7.44
C ALA A 302 22.17 -4.84 -6.25
N GLU A 303 23.24 -5.59 -6.49
CA GLU A 303 24.01 -6.34 -5.45
C GLU A 303 24.40 -5.40 -4.30
N ALA A 304 24.78 -4.16 -4.63
CA ALA A 304 25.27 -3.15 -3.66
C ALA A 304 24.12 -2.68 -2.76
N ILE A 305 23.02 -2.24 -3.36
CA ILE A 305 21.80 -1.80 -2.61
C ILE A 305 21.42 -2.91 -1.61
N PHE A 306 21.31 -4.16 -2.06
CA PHE A 306 20.91 -5.31 -1.21
C PHE A 306 21.93 -5.52 -0.08
N LYS A 307 23.24 -5.39 -0.38
CA LYS A 307 24.36 -5.72 0.55
C LYS A 307 24.52 -4.60 1.59
N LEU A 308 24.48 -3.35 1.13
CA LEU A 308 25.02 -2.16 1.85
C LEU A 308 23.92 -1.37 2.53
N THR A 309 22.68 -1.42 2.04
CA THR A 309 21.56 -0.62 2.58
C THR A 309 20.48 -1.53 3.18
N TYR A 310 20.15 -2.67 2.57
CA TYR A 310 19.05 -3.58 2.98
C TYR A 310 19.56 -4.56 4.05
N GLN A 311 20.71 -5.22 3.82
CA GLN A 311 21.25 -6.32 4.66
C GLN A 311 22.22 -5.76 5.73
N ASN A 312 22.45 -4.42 5.69
CA ASN A 312 23.20 -3.60 6.69
C ASN A 312 22.60 -2.19 6.71
N LYS A 313 22.09 -1.74 7.85
CA LYS A 313 21.29 -0.49 7.91
C LYS A 313 21.95 0.45 8.93
N VAL A 314 21.98 1.73 8.60
CA VAL A 314 22.40 2.83 9.50
C VAL A 314 21.22 3.77 9.59
N VAL A 315 20.80 4.11 10.80
CA VAL A 315 19.55 4.88 11.04
C VAL A 315 19.79 5.94 12.10
N ARG A 316 19.12 7.08 11.98
CA ARG A 316 19.15 8.20 12.95
C ARG A 316 17.73 8.39 13.52
N VAL A 317 17.62 8.47 14.86
CA VAL A 317 16.31 8.56 15.59
C VAL A 317 16.38 9.71 16.58
N GLN A 318 15.32 10.53 16.67
CA GLN A 318 15.16 11.57 17.73
C GLN A 318 14.74 10.91 19.05
N ARG A 319 15.47 11.20 20.13
CA ARG A 319 15.13 10.82 21.53
C ARG A 319 15.01 12.10 22.35
N PRO A 320 14.02 12.24 23.28
CA PRO A 320 13.76 13.50 23.97
C PRO A 320 14.63 13.85 25.21
N THR A 321 15.22 12.84 25.84
CA THR A 321 16.02 12.96 27.10
C THR A 321 17.23 13.88 26.86
N THR A 325 16.53 16.75 23.76
CA THR A 325 16.46 16.02 22.45
C THR A 325 17.88 15.76 21.92
N VAL A 326 18.19 14.52 21.55
CA VAL A 326 19.47 14.12 20.88
C VAL A 326 19.15 13.25 19.65
N MET A 327 20.15 13.05 18.79
CA MET A 327 20.10 12.13 17.62
C MET A 327 20.92 10.88 17.93
N ASP A 328 20.27 9.70 17.93
CA ASP A 328 20.90 8.38 18.18
C ASP A 328 21.24 7.70 16.85
N ILE A 329 22.46 7.20 16.70
CA ILE A 329 22.95 6.57 15.44
C ILE A 329 23.07 5.07 15.72
N ILE A 330 22.06 4.33 15.30
CA ILE A 330 21.89 2.87 15.58
C ILE A 330 21.95 2.12 14.24
N SER A 331 22.36 0.85 14.29
CA SER A 331 22.40 -0.08 13.14
C SER A 331 21.74 -1.43 13.49
N ARG A 332 21.29 -2.16 12.48
CA ARG A 332 20.97 -3.63 12.57
C ARG A 332 20.94 -4.22 11.16
N ARG A 333 20.86 -5.54 11.08
CA ARG A 333 21.10 -6.34 9.84
C ARG A 333 19.78 -6.80 9.20
N ASP A 334 18.70 -6.95 9.97
CA ASP A 334 17.41 -7.61 9.55
C ASP A 334 16.25 -6.59 9.63
N GLN A 335 15.01 -7.05 9.40
CA GLN A 335 13.76 -6.25 9.31
C GLN A 335 13.73 -5.50 7.97
N ARG A 336 12.57 -4.95 7.62
CA ARG A 336 12.37 -4.15 6.40
C ARG A 336 12.46 -2.66 6.72
N GLY A 337 13.05 -1.91 5.80
CA GLY A 337 13.12 -0.44 5.83
C GLY A 337 13.73 0.06 4.54
N SER A 338 13.12 -0.27 3.41
CA SER A 338 13.49 0.20 2.06
C SER A 338 12.63 1.42 1.71
N GLY A 339 12.42 1.69 0.41
CA GLY A 339 11.40 2.63 -0.10
C GLY A 339 10.03 1.99 -0.13
N GLN A 340 8.97 2.77 0.07
CA GLN A 340 7.60 2.23 0.23
C GLN A 340 7.23 1.41 -1.03
N VAL A 341 7.68 1.80 -2.22
CA VAL A 341 7.30 1.10 -3.48
C VAL A 341 8.09 -0.22 -3.64
N VAL A 342 9.40 -0.24 -3.35
CA VAL A 342 10.19 -1.51 -3.40
C VAL A 342 9.78 -2.39 -2.21
N THR A 343 9.52 -1.82 -1.03
CA THR A 343 8.92 -2.56 0.11
C THR A 343 7.69 -3.35 -0.35
N TYR A 344 6.79 -2.71 -1.09
CA TYR A 344 5.53 -3.31 -1.57
C TYR A 344 5.89 -4.58 -2.35
N GLY A 345 6.77 -4.47 -3.34
CA GLY A 345 7.03 -5.58 -4.29
C GLY A 345 7.74 -6.74 -3.61
N LEU A 346 8.61 -6.44 -2.68
CA LEU A 346 9.44 -7.45 -1.99
C LEU A 346 8.55 -8.18 -0.96
N ASN A 347 7.67 -7.45 -0.28
CA ASN A 347 6.67 -8.01 0.67
C ASN A 347 5.77 -9.00 -0.07
N THR A 348 5.28 -8.63 -1.25
CA THR A 348 4.45 -9.52 -2.13
C THR A 348 5.23 -10.81 -2.48
N PHE A 349 6.50 -10.68 -2.83
CA PHE A 349 7.36 -11.82 -3.26
C PHE A 349 7.51 -12.80 -2.09
N THR A 350 7.95 -12.30 -0.94
CA THR A 350 8.22 -13.13 0.27
C THR A 350 6.88 -13.72 0.77
N ASN A 351 5.80 -12.94 0.73
CA ASN A 351 4.44 -13.40 1.12
C ASN A 351 3.96 -14.49 0.15
N MET A 352 4.18 -14.34 -1.15
CA MET A 352 3.84 -15.43 -2.12
C MET A 352 4.57 -16.69 -1.67
N GLU A 353 5.81 -16.57 -1.22
CA GLU A 353 6.74 -17.70 -0.95
C GLU A 353 6.22 -18.43 0.30
N ALA A 354 5.98 -17.69 1.36
CA ALA A 354 5.42 -18.21 2.63
C ALA A 354 4.13 -19.00 2.36
N GLN A 355 3.21 -18.42 1.60
CA GLN A 355 1.88 -19.04 1.43
C GLN A 355 1.94 -20.29 0.54
N LEU A 356 2.84 -20.40 -0.45
CA LEU A 356 3.00 -21.66 -1.26
C LEU A 356 3.52 -22.78 -0.33
N ILE A 357 4.35 -22.40 0.65
CA ILE A 357 4.98 -23.33 1.60
C ILE A 357 3.94 -23.85 2.57
N ARG A 358 3.15 -22.95 3.18
CA ARG A 358 2.03 -23.34 4.07
C ARG A 358 1.11 -24.28 3.30
N GLN A 359 0.86 -23.99 2.02
CA GLN A 359 0.05 -24.87 1.15
C GLN A 359 0.74 -26.25 1.10
N MET A 360 2.04 -26.32 0.82
CA MET A 360 2.81 -27.60 0.76
C MET A 360 2.57 -28.41 2.05
N GLU A 361 2.67 -27.78 3.21
CA GLU A 361 2.52 -28.43 4.52
C GLU A 361 1.10 -29.04 4.60
N GLY A 362 0.07 -28.30 4.23
CA GLY A 362 -1.31 -28.82 4.25
C GLY A 362 -1.47 -30.04 3.34
N GLU A 363 -0.74 -30.07 2.22
CA GLU A 363 -0.86 -31.13 1.20
C GLU A 363 0.04 -32.32 1.56
N GLY A 364 0.74 -32.24 2.71
CA GLY A 364 1.74 -33.24 3.16
C GLY A 364 2.81 -33.53 2.11
N VAL A 365 3.42 -32.48 1.52
CA VAL A 365 4.60 -32.56 0.59
C VAL A 365 5.89 -32.80 1.40
N PHE A 366 5.97 -32.24 2.61
CA PHE A 366 7.08 -32.52 3.56
C PHE A 366 6.50 -32.79 4.96
N LYS A 367 7.29 -33.44 5.81
CA LYS A 367 6.83 -34.05 7.08
C LYS A 367 7.30 -33.21 8.27
N SER A 368 8.51 -32.65 8.23
CA SER A 368 9.04 -31.81 9.32
C SER A 368 10.03 -30.75 8.81
N ILE A 369 10.07 -29.64 9.55
CA ILE A 369 10.84 -28.40 9.26
C ILE A 369 12.26 -28.54 9.79
N GLN A 370 12.50 -29.59 10.59
CA GLN A 370 13.80 -29.81 11.30
C GLN A 370 14.89 -30.09 10.26
N HIS A 371 14.54 -30.79 9.17
CA HIS A 371 15.50 -31.37 8.20
C HIS A 371 14.74 -31.96 7.00
N LEU A 372 15.15 -31.58 5.79
CA LEU A 372 14.60 -32.14 4.53
C LEU A 372 15.52 -33.26 4.07
N THR A 373 14.98 -34.47 3.91
CA THR A 373 15.68 -35.64 3.33
C THR A 373 16.06 -35.25 1.89
N VAL A 374 16.79 -36.09 1.16
CA VAL A 374 17.19 -35.81 -0.25
C VAL A 374 15.96 -35.97 -1.15
N THR A 375 15.17 -37.02 -0.90
CA THR A 375 13.98 -37.39 -1.72
C THR A 375 12.88 -36.33 -1.49
N GLU A 376 12.88 -35.67 -0.33
CA GLU A 376 11.88 -34.60 -0.01
C GLU A 376 12.18 -33.40 -0.92
N GLU A 377 13.45 -32.95 -0.98
CA GLU A 377 13.90 -31.90 -1.93
C GLU A 377 13.34 -32.17 -3.32
N ILE A 378 13.45 -33.39 -3.84
CA ILE A 378 12.98 -33.72 -5.23
C ILE A 378 11.44 -33.64 -5.28
N ALA A 379 10.73 -34.06 -4.22
CA ALA A 379 9.25 -34.02 -4.15
C ALA A 379 8.75 -32.56 -4.13
N VAL A 380 9.40 -31.69 -3.35
CA VAL A 380 9.11 -30.22 -3.28
C VAL A 380 9.33 -29.63 -4.67
N LYS A 381 10.44 -29.96 -5.34
CA LYS A 381 10.79 -29.42 -6.67
C LYS A 381 9.73 -29.89 -7.69
N ASN A 382 9.22 -31.11 -7.52
CA ASN A 382 8.29 -31.75 -8.48
C ASN A 382 6.89 -31.12 -8.37
N TRP A 383 6.45 -30.88 -7.12
CA TRP A 383 5.20 -30.14 -6.77
C TRP A 383 5.20 -28.81 -7.51
N LEU A 384 6.23 -27.98 -7.28
CA LEU A 384 6.38 -26.64 -7.90
C LEU A 384 6.25 -26.73 -9.43
N VAL A 385 6.85 -27.73 -10.07
CA VAL A 385 6.89 -27.87 -11.56
C VAL A 385 5.52 -28.35 -12.05
N ARG A 386 4.89 -29.25 -11.30
CA ARG A 386 3.64 -29.95 -11.70
C ARG A 386 2.45 -29.00 -11.43
N VAL A 387 2.41 -28.31 -10.27
CA VAL A 387 1.16 -27.61 -9.80
C VAL A 387 1.40 -26.18 -9.28
N GLY A 388 2.65 -25.70 -9.20
CA GLY A 388 2.99 -24.36 -8.67
C GLY A 388 2.15 -23.24 -9.26
N ARG A 389 2.03 -23.17 -10.58
CA ARG A 389 1.29 -22.08 -11.25
C ARG A 389 -0.18 -22.18 -10.83
N GLU A 390 -0.69 -23.40 -10.67
CA GLU A 390 -2.14 -23.58 -10.32
C GLU A 390 -2.35 -23.06 -8.88
N ARG A 391 -1.40 -23.31 -7.99
CA ARG A 391 -1.49 -22.95 -6.55
C ARG A 391 -1.35 -21.43 -6.38
N LEU A 392 -0.65 -20.75 -7.28
CA LEU A 392 -0.48 -19.26 -7.26
C LEU A 392 -1.83 -18.63 -7.61
N SER A 393 -2.54 -19.20 -8.57
CA SER A 393 -3.84 -18.66 -9.04
C SER A 393 -4.91 -18.79 -7.94
N ARG A 394 -4.65 -19.51 -6.84
CA ARG A 394 -5.60 -19.72 -5.71
C ARG A 394 -5.43 -18.65 -4.63
N MET A 395 -4.62 -17.64 -4.92
CA MET A 395 -4.28 -16.57 -3.95
C MET A 395 -4.41 -15.17 -4.57
N ALA A 396 -4.76 -14.23 -3.73
CA ALA A 396 -4.74 -12.79 -4.00
C ALA A 396 -3.81 -12.14 -2.96
N ILE A 397 -2.68 -11.56 -3.39
CA ILE A 397 -1.62 -11.08 -2.48
C ILE A 397 -1.23 -9.63 -2.83
N SER A 398 -1.32 -8.75 -1.85
CA SER A 398 -0.98 -7.32 -1.94
C SER A 398 -0.06 -6.99 -0.78
N GLY A 399 1.26 -7.01 -1.00
CA GLY A 399 2.20 -6.88 0.13
C GLY A 399 1.88 -7.90 1.23
N ASP A 400 1.74 -7.40 2.46
CA ASP A 400 1.55 -8.19 3.71
C ASP A 400 0.15 -8.81 3.75
N ASP A 401 -0.72 -8.44 2.81
CA ASP A 401 -2.16 -8.84 2.84
C ASP A 401 -2.38 -9.98 1.86
N CYS A 402 -3.07 -11.04 2.30
CA CYS A 402 -3.37 -12.24 1.46
C CYS A 402 -4.76 -12.80 1.70
N VAL A 403 -5.31 -13.40 0.62
CA VAL A 403 -6.47 -14.34 0.65
C VAL A 403 -6.03 -15.65 -0.04
N VAL A 404 -6.22 -16.79 0.61
CA VAL A 404 -5.82 -18.12 0.06
C VAL A 404 -7.05 -19.03 0.05
N LYS A 405 -7.34 -19.66 -1.09
CA LYS A 405 -8.35 -20.76 -1.17
C LYS A 405 -7.63 -22.07 -1.45
N PRO A 406 -7.17 -22.78 -0.38
CA PRO A 406 -6.39 -24.00 -0.54
C PRO A 406 -7.17 -25.19 -1.09
N LEU A 407 -6.44 -26.26 -1.37
CA LEU A 407 -7.00 -27.51 -1.97
C LEU A 407 -8.05 -28.10 -0.99
N ASP A 408 -7.86 -27.93 0.33
CA ASP A 408 -8.81 -28.39 1.37
C ASP A 408 -8.48 -27.73 2.71
N ASP A 409 -9.16 -28.10 3.79
CA ASP A 409 -9.10 -27.36 5.07
C ASP A 409 -7.97 -27.87 5.98
N ARG A 410 -7.10 -28.78 5.51
CA ARG A 410 -5.90 -29.20 6.29
C ARG A 410 -4.98 -27.99 6.54
N PHE A 411 -4.93 -27.06 5.56
CA PHE A 411 -4.18 -25.77 5.57
C PHE A 411 -4.39 -25.03 6.91
N ALA A 412 -5.59 -25.10 7.48
CA ALA A 412 -6.02 -24.33 8.66
C ALA A 412 -5.13 -24.61 9.88
N SER A 413 -4.68 -25.85 10.03
CA SER A 413 -3.88 -26.31 11.20
C SER A 413 -2.45 -26.69 10.76
N ALA A 414 -2.02 -26.25 9.58
CA ALA A 414 -0.64 -26.38 9.07
C ALA A 414 0.15 -25.11 9.42
N LEU A 415 0.77 -25.04 10.61
CA LEU A 415 1.25 -23.78 11.26
C LEU A 415 2.77 -23.79 11.49
N THR A 416 3.48 -24.90 11.25
CA THR A 416 4.84 -25.09 11.81
C THR A 416 5.83 -24.27 10.97
N ALA A 417 5.75 -24.38 9.64
CA ALA A 417 6.58 -23.56 8.72
C ALA A 417 6.25 -22.08 8.92
N LEU A 418 4.96 -21.72 8.90
CA LEU A 418 4.52 -20.31 9.02
C LEU A 418 5.12 -19.67 10.28
N ASN A 419 4.98 -20.33 11.44
CA ASN A 419 5.44 -19.82 12.76
C ASN A 419 6.97 -19.75 12.80
N ASP A 420 7.65 -20.75 12.23
CA ASP A 420 9.13 -20.84 12.21
C ASP A 420 9.73 -19.79 11.25
N MET A 421 9.08 -19.47 10.12
CA MET A 421 9.55 -18.39 9.21
C MET A 421 9.43 -17.04 9.91
N GLY A 422 8.70 -16.97 11.02
CA GLY A 422 8.52 -15.74 11.82
C GLY A 422 7.24 -15.01 11.49
N LYS A 423 6.41 -15.54 10.58
CA LYS A 423 5.16 -14.86 10.11
C LYS A 423 3.97 -15.26 10.99
N VAL A 424 4.08 -14.90 12.28
CA VAL A 424 3.11 -15.19 13.38
C VAL A 424 1.81 -14.43 13.09
N ARG A 425 0.68 -15.15 13.18
CA ARG A 425 -0.68 -14.59 12.90
C ARG A 425 -1.07 -13.60 14.00
N LYS A 426 -1.80 -12.54 13.65
CA LYS A 426 -2.38 -11.51 14.56
C LYS A 426 -3.69 -12.02 15.22
N ASP A 427 -3.84 -11.89 16.54
CA ASP A 427 -5.14 -12.03 17.27
C ASP A 427 -5.67 -13.47 17.22
N ILE A 428 -4.80 -14.43 17.55
CA ILE A 428 -5.11 -15.88 17.65
C ILE A 428 -3.87 -16.57 18.25
N GLN A 429 -4.06 -17.58 19.10
CA GLN A 429 -2.95 -18.25 19.83
C GLN A 429 -2.10 -19.02 18.83
N GLN A 430 -0.79 -18.98 19.03
CA GLN A 430 0.22 -19.47 18.07
C GLN A 430 -0.20 -20.80 17.44
N TRP A 431 -0.75 -21.75 18.21
CA TRP A 431 -1.00 -23.16 17.74
C TRP A 431 -2.50 -23.45 17.53
N GLU A 432 -3.37 -22.44 17.61
CA GLU A 432 -4.83 -22.55 17.38
C GLU A 432 -5.13 -22.50 15.87
N PRO A 433 -5.94 -23.42 15.32
CA PRO A 433 -6.18 -23.44 13.87
C PRO A 433 -6.86 -22.17 13.36
N SER A 434 -6.56 -21.77 12.12
CA SER A 434 -7.13 -20.59 11.42
C SER A 434 -8.64 -20.77 11.24
N ARG A 435 -9.41 -19.68 11.34
CA ARG A 435 -10.87 -19.66 11.07
C ARG A 435 -11.07 -19.10 9.66
N GLY A 436 -11.48 -19.95 8.71
CA GLY A 436 -11.70 -19.59 7.31
C GLY A 436 -13.07 -18.99 7.07
N TRP A 437 -13.32 -18.49 5.85
CA TRP A 437 -14.59 -17.85 5.45
C TRP A 437 -15.27 -18.74 4.40
N ASN A 438 -16.60 -18.90 4.49
CA ASN A 438 -17.40 -19.77 3.61
C ASN A 438 -17.99 -19.00 2.45
N ASP A 439 -17.97 -17.66 2.48
CA ASP A 439 -18.60 -16.78 1.45
C ASP A 439 -17.60 -15.68 1.02
N TRP A 440 -17.30 -15.57 -0.27
CA TRP A 440 -16.36 -14.56 -0.82
C TRP A 440 -16.82 -13.11 -0.58
N THR A 441 -18.09 -12.90 -0.28
CA THR A 441 -18.63 -11.54 0.04
C THR A 441 -18.39 -11.12 1.51
N GLN A 442 -17.82 -12.01 2.34
CA GLN A 442 -17.51 -11.75 3.77
C GLN A 442 -16.00 -11.58 3.98
N VAL A 443 -15.17 -12.06 3.04
CA VAL A 443 -13.68 -12.02 3.15
C VAL A 443 -13.16 -10.59 3.15
N PRO A 444 -12.32 -10.20 4.13
CA PRO A 444 -11.64 -8.89 4.08
C PRO A 444 -10.40 -8.96 3.19
N PHE A 445 -10.14 -7.88 2.44
CA PHE A 445 -8.94 -7.73 1.57
C PHE A 445 -8.73 -6.25 1.28
N CYS A 446 -7.53 -5.73 1.52
CA CYS A 446 -7.08 -4.30 1.32
C CYS A 446 -8.06 -3.32 2.00
N SER A 447 -8.57 -3.67 3.19
CA SER A 447 -9.43 -2.81 4.04
C SER A 447 -10.90 -2.79 3.55
N HIS A 448 -11.27 -3.65 2.61
CA HIS A 448 -12.64 -3.69 2.02
C HIS A 448 -13.32 -5.05 2.17
N HIS A 449 -14.63 -5.10 1.87
CA HIS A 449 -15.40 -6.29 1.47
C HIS A 449 -16.12 -5.97 0.17
N PHE A 450 -16.65 -6.99 -0.50
CA PHE A 450 -17.21 -6.86 -1.87
C PHE A 450 -18.65 -7.40 -1.90
N HIS A 451 -19.57 -6.60 -2.45
CA HIS A 451 -20.99 -6.99 -2.60
C HIS A 451 -21.23 -7.37 -4.05
N GLU A 452 -22.18 -8.26 -4.29
CA GLU A 452 -22.74 -8.63 -5.62
C GLU A 452 -24.04 -7.86 -5.83
N LEU A 453 -24.18 -7.15 -6.93
CA LEU A 453 -25.21 -6.10 -7.07
C LEU A 453 -25.77 -6.18 -8.49
N ILE A 454 -27.08 -6.41 -8.59
CA ILE A 454 -27.75 -6.75 -9.87
C ILE A 454 -28.47 -5.50 -10.38
N MET A 455 -28.10 -5.03 -11.56
CA MET A 455 -28.72 -3.85 -12.22
C MET A 455 -30.14 -4.21 -12.66
N LYS A 456 -31.00 -3.21 -12.84
N LYS A 456 -31.00 -3.20 -12.82
CA LYS A 456 -32.41 -3.38 -13.27
CA LYS A 456 -32.41 -3.35 -13.29
C LYS A 456 -32.46 -4.14 -14.61
C LYS A 456 -32.44 -4.17 -14.59
N ASP A 457 -31.41 -4.04 -15.43
CA ASP A 457 -31.33 -4.76 -16.75
C ASP A 457 -30.71 -6.17 -16.61
N GLY A 458 -30.39 -6.62 -15.39
CA GLY A 458 -29.96 -7.99 -15.11
C GLY A 458 -28.45 -8.17 -15.07
N ARG A 459 -27.66 -7.26 -15.67
CA ARG A 459 -26.18 -7.33 -15.65
C ARG A 459 -25.67 -7.23 -14.19
N VAL A 460 -24.46 -7.72 -13.92
CA VAL A 460 -23.93 -7.91 -12.54
C VAL A 460 -22.67 -7.10 -12.29
N LEU A 461 -22.73 -6.23 -11.27
CA LEU A 461 -21.58 -5.48 -10.71
C LEU A 461 -21.09 -6.19 -9.44
N VAL A 462 -19.78 -6.25 -9.26
CA VAL A 462 -19.11 -6.63 -7.97
C VAL A 462 -18.41 -5.36 -7.47
N VAL A 463 -18.87 -4.79 -6.35
CA VAL A 463 -18.50 -3.41 -5.90
C VAL A 463 -17.78 -3.50 -4.55
N PRO A 464 -16.79 -2.61 -4.33
CA PRO A 464 -16.09 -2.53 -3.04
C PRO A 464 -16.84 -1.72 -1.98
N CYS A 465 -16.59 -2.00 -0.70
CA CYS A 465 -17.38 -1.43 0.42
C CYS A 465 -16.55 -1.40 1.72
N ARG A 466 -16.76 -0.44 2.62
CA ARG A 466 -16.29 -0.53 4.02
C ARG A 466 -17.18 0.35 4.89
N ASN A 467 -16.98 0.28 6.21
CA ASN A 467 -17.87 1.00 7.15
C ASN A 467 -17.85 2.48 6.74
N GLN A 468 -19.02 3.10 6.63
CA GLN A 468 -19.17 4.41 5.98
C GLN A 468 -18.55 5.48 6.89
N ASP A 469 -18.42 5.23 8.19
CA ASP A 469 -17.75 6.19 9.11
C ASP A 469 -16.27 6.32 8.73
N GLU A 470 -15.64 5.23 8.31
CA GLU A 470 -14.22 5.23 7.88
C GLU A 470 -14.10 6.15 6.63
N LEU A 471 -15.00 6.02 5.66
CA LEU A 471 -14.93 6.75 4.38
C LEU A 471 -15.15 8.26 4.62
N ILE A 472 -16.18 8.62 5.37
CA ILE A 472 -16.50 10.04 5.66
C ILE A 472 -15.43 10.67 6.56
N GLY A 473 -14.99 9.95 7.59
CA GLY A 473 -13.92 10.40 8.49
C GLY A 473 -12.62 10.74 7.78
N ARG A 474 -12.26 10.01 6.72
CA ARG A 474 -10.99 10.21 5.98
C ARG A 474 -11.10 11.44 5.07
N ALA A 475 -12.24 11.61 4.40
CA ALA A 475 -12.50 12.75 3.49
C ALA A 475 -12.49 14.06 4.29
N ARG A 476 -12.69 14.02 5.62
CA ARG A 476 -12.72 15.28 6.44
C ARG A 476 -11.29 15.70 6.82
N ILE A 477 -10.29 14.93 6.42
CA ILE A 477 -8.89 15.18 6.87
C ILE A 477 -8.03 15.61 5.69
N SER A 478 -7.12 16.55 5.94
N SER A 478 -7.13 16.57 5.91
CA SER A 478 -6.04 17.01 5.03
CA SER A 478 -6.04 16.96 4.98
C SER A 478 -4.70 16.90 5.76
C SER A 478 -4.70 16.97 5.73
N GLN A 479 -3.62 16.59 5.04
CA GLN A 479 -2.25 16.56 5.60
C GLN A 479 -1.53 17.79 5.05
N GLY A 480 -1.06 18.67 5.94
CA GLY A 480 -0.07 19.71 5.60
C GLY A 480 -0.52 21.12 5.93
N ALA A 481 0.33 22.08 5.56
CA ALA A 481 0.23 23.52 5.86
C ALA A 481 0.13 24.28 4.54
N GLY A 482 -0.42 25.50 4.58
CA GLY A 482 -0.47 26.45 3.46
C GLY A 482 -1.49 26.09 2.39
N TRP A 483 -2.58 25.41 2.78
CA TRP A 483 -3.71 25.05 1.88
C TRP A 483 -4.58 26.30 1.65
N SER A 484 -4.58 26.84 0.44
CA SER A 484 -5.55 27.89 0.01
C SER A 484 -6.97 27.30 0.06
N LEU A 485 -8.00 28.15 0.04
CA LEU A 485 -9.40 27.70 0.00
C LEU A 485 -9.68 26.88 -1.28
N ARG A 486 -9.13 27.36 -2.40
CA ARG A 486 -9.21 26.72 -3.74
C ARG A 486 -8.64 25.30 -3.73
N GLU A 487 -7.49 25.12 -3.06
CA GLU A 487 -6.79 23.81 -2.99
C GLU A 487 -7.61 22.86 -2.08
N THR A 488 -8.11 23.38 -0.96
CA THR A 488 -8.96 22.62 -0.02
C THR A 488 -10.19 22.14 -0.79
N ALA A 489 -10.77 23.01 -1.63
CA ALA A 489 -11.98 22.68 -2.41
C ALA A 489 -11.68 21.55 -3.41
N CYS A 490 -10.48 21.57 -4.03
CA CYS A 490 -10.06 20.65 -5.11
C CYS A 490 -9.77 19.25 -4.54
N LEU A 491 -9.22 19.18 -3.32
CA LEU A 491 -9.10 17.91 -2.55
C LEU A 491 -10.48 17.32 -2.22
N GLY A 492 -11.39 18.14 -1.70
CA GLY A 492 -12.78 17.72 -1.45
C GLY A 492 -13.35 17.05 -2.70
N LYS A 493 -13.15 17.67 -3.86
CA LYS A 493 -13.65 17.20 -5.17
C LYS A 493 -13.01 15.86 -5.54
N SER A 494 -11.72 15.64 -5.28
CA SER A 494 -11.06 14.33 -5.51
C SER A 494 -11.81 13.24 -4.75
N TYR A 495 -12.23 13.51 -3.50
CA TYR A 495 -12.93 12.49 -2.67
C TYR A 495 -14.34 12.21 -3.21
N ALA A 496 -15.05 13.25 -3.60
CA ALA A 496 -16.41 13.15 -4.18
C ALA A 496 -16.38 12.31 -5.46
N GLN A 497 -15.38 12.52 -6.33
CA GLN A 497 -15.30 11.80 -7.64
C GLN A 497 -14.99 10.32 -7.34
N MET A 498 -14.17 10.07 -6.32
CA MET A 498 -13.91 8.69 -5.89
C MET A 498 -15.22 8.04 -5.45
N TRP A 499 -15.95 8.68 -4.56
CA TRP A 499 -17.21 8.10 -4.02
C TRP A 499 -18.19 7.75 -5.17
N SER A 500 -18.28 8.62 -6.19
N SER A 500 -18.28 8.62 -6.19
CA SER A 500 -19.18 8.46 -7.35
CA SER A 500 -19.21 8.45 -7.34
C SER A 500 -18.76 7.26 -8.19
C SER A 500 -18.76 7.28 -8.22
N LEU A 501 -17.46 6.98 -8.24
CA LEU A 501 -16.91 5.91 -9.10
C LEU A 501 -16.90 4.55 -8.38
N MET A 502 -16.62 4.52 -7.07
CA MET A 502 -16.38 3.26 -6.29
C MET A 502 -17.53 2.97 -5.31
N TYR A 503 -18.13 4.01 -4.72
CA TYR A 503 -19.11 3.89 -3.61
C TYR A 503 -20.50 4.45 -3.99
N PHE A 504 -20.86 4.44 -5.28
CA PHE A 504 -22.12 5.00 -5.85
C PHE A 504 -23.35 4.28 -5.28
N HIS A 505 -23.13 3.05 -4.82
CA HIS A 505 -24.15 2.13 -4.29
C HIS A 505 -24.54 2.46 -2.83
N ARG A 506 -23.83 3.38 -2.17
CA ARG A 506 -24.16 3.84 -0.79
C ARG A 506 -24.95 5.14 -0.96
N ARG A 507 -26.17 5.18 -0.43
CA ARG A 507 -27.12 6.31 -0.64
C ARG A 507 -26.46 7.62 -0.15
N ASP A 508 -25.93 7.64 1.08
CA ASP A 508 -25.37 8.89 1.70
C ASP A 508 -24.17 9.43 0.88
N LEU A 509 -23.39 8.56 0.23
CA LEU A 509 -22.14 8.99 -0.44
C LEU A 509 -22.49 9.48 -1.87
N ARG A 510 -23.48 8.92 -2.55
CA ARG A 510 -23.86 9.46 -3.87
C ARG A 510 -24.36 10.89 -3.70
N LEU A 511 -25.18 11.12 -2.66
CA LEU A 511 -25.80 12.44 -2.34
C LEU A 511 -24.72 13.43 -1.90
N ALA A 512 -23.78 13.02 -1.04
CA ALA A 512 -22.74 13.95 -0.54
C ALA A 512 -21.81 14.31 -1.72
N ALA A 513 -21.55 13.36 -2.61
CA ALA A 513 -20.68 13.51 -3.81
C ALA A 513 -21.30 14.55 -4.74
N ASN A 514 -22.60 14.44 -4.96
CA ASN A 514 -23.36 15.36 -5.84
C ASN A 514 -23.32 16.75 -5.21
N ALA A 515 -23.48 16.84 -3.90
CA ALA A 515 -23.48 18.16 -3.21
C ALA A 515 -22.08 18.77 -3.34
N ILE A 516 -21.02 18.01 -3.09
CA ILE A 516 -19.67 18.63 -3.12
C ILE A 516 -19.39 19.10 -4.57
N CYS A 517 -19.64 18.26 -5.60
CA CYS A 517 -19.35 18.62 -7.02
C CYS A 517 -20.21 19.82 -7.47
N SER A 518 -21.34 20.03 -6.81
CA SER A 518 -22.19 21.22 -7.03
C SER A 518 -21.63 22.45 -6.29
N ALA A 519 -20.86 22.26 -5.21
CA ALA A 519 -20.42 23.36 -4.32
C ALA A 519 -19.09 23.96 -4.80
N VAL A 520 -18.36 23.22 -5.60
CA VAL A 520 -17.01 23.56 -6.12
C VAL A 520 -17.13 23.95 -7.60
N PRO A 521 -16.48 25.06 -8.03
CA PRO A 521 -16.56 25.50 -9.42
C PRO A 521 -16.30 24.35 -10.41
N SER A 522 -17.18 24.23 -11.41
N SER A 522 -17.18 24.24 -11.41
CA SER A 522 -17.30 23.08 -12.35
CA SER A 522 -17.31 23.11 -12.35
C SER A 522 -15.95 22.73 -12.99
C SER A 522 -15.96 22.74 -13.00
N HIS A 523 -15.16 23.74 -13.38
CA HIS A 523 -13.90 23.56 -14.15
C HIS A 523 -12.63 23.41 -13.30
N TRP A 524 -12.67 23.62 -11.97
CA TRP A 524 -11.50 23.47 -11.05
C TRP A 524 -11.10 21.98 -10.99
N VAL A 525 -9.80 21.71 -11.07
CA VAL A 525 -9.22 20.35 -11.27
C VAL A 525 -9.01 19.67 -9.90
N PRO A 526 -9.47 18.41 -9.71
CA PRO A 526 -9.14 17.66 -8.49
C PRO A 526 -7.63 17.50 -8.23
N THR A 527 -7.16 17.73 -6.98
CA THR A 527 -5.73 17.63 -6.57
C THR A 527 -5.57 16.63 -5.43
N SER A 528 -4.32 16.25 -5.14
CA SER A 528 -3.88 15.38 -4.03
C SER A 528 -2.35 15.51 -3.87
N ARG A 529 -1.85 15.66 -2.63
CA ARG A 529 -0.40 15.87 -2.34
C ARG A 529 0.35 14.54 -2.13
N THR A 530 -0.35 13.40 -1.97
CA THR A 530 0.28 12.04 -1.84
C THR A 530 -0.42 11.01 -2.74
N THR A 531 0.02 10.90 -4.00
CA THR A 531 -0.62 10.08 -5.07
C THR A 531 -0.44 8.60 -4.77
N ALA A 536 -2.03 2.25 -7.32
CA ALA A 536 -3.31 1.78 -7.92
C ALA A 536 -3.74 2.69 -9.08
N THR A 537 -4.87 2.38 -9.71
CA THR A 537 -5.50 3.16 -10.81
C THR A 537 -6.44 4.23 -10.20
N HIS A 538 -6.22 5.51 -10.53
N HIS A 538 -6.22 5.51 -10.54
CA HIS A 538 -6.97 6.67 -9.96
CA HIS A 538 -6.93 6.68 -9.99
C HIS A 538 -7.78 7.37 -11.06
C HIS A 538 -7.76 7.37 -11.10
N GLU A 539 -8.79 6.67 -11.61
CA GLU A 539 -9.61 7.17 -12.76
C GLU A 539 -10.51 8.37 -12.40
N TRP A 540 -10.73 8.63 -11.11
CA TRP A 540 -11.52 9.79 -10.64
C TRP A 540 -10.73 11.11 -10.72
N MET A 541 -9.42 11.09 -10.97
CA MET A 541 -8.59 12.31 -11.04
C MET A 541 -8.63 12.84 -12.49
N THR A 542 -9.60 13.74 -12.77
CA THR A 542 -10.04 14.14 -14.14
C THR A 542 -11.15 15.20 -14.04
N THR A 543 -11.26 16.01 -15.09
CA THR A 543 -12.33 17.03 -15.30
C THR A 543 -13.42 16.54 -16.28
N GLU A 544 -13.29 15.31 -16.78
CA GLU A 544 -14.27 14.67 -17.70
C GLU A 544 -15.57 14.38 -16.93
N ASP A 545 -16.68 14.20 -17.66
CA ASP A 545 -18.03 13.91 -17.11
C ASP A 545 -17.96 12.58 -16.33
N MET A 546 -18.45 12.56 -15.09
CA MET A 546 -18.33 11.35 -14.20
C MET A 546 -19.15 10.16 -14.69
N LEU A 547 -20.29 10.41 -15.35
CA LEU A 547 -21.11 9.32 -15.94
C LEU A 547 -20.35 8.67 -17.09
N THR A 548 -19.56 9.45 -17.85
CA THR A 548 -18.75 8.91 -18.99
C THR A 548 -17.62 8.04 -18.45
N VAL A 549 -16.92 8.48 -17.42
CA VAL A 549 -15.92 7.65 -16.68
C VAL A 549 -16.60 6.38 -16.11
N TRP A 550 -17.77 6.49 -15.49
CA TRP A 550 -18.44 5.29 -14.92
C TRP A 550 -18.60 4.22 -16.01
N ASN A 551 -19.10 4.61 -17.18
CA ASN A 551 -19.40 3.71 -18.33
C ASN A 551 -18.10 3.06 -18.83
N ARG A 552 -17.02 3.82 -18.96
CA ARG A 552 -15.72 3.29 -19.46
C ARG A 552 -15.25 2.21 -18.49
N VAL A 553 -15.26 2.50 -17.19
CA VAL A 553 -14.67 1.65 -16.10
C VAL A 553 -15.52 0.38 -15.87
N TRP A 554 -16.85 0.52 -15.72
CA TRP A 554 -17.72 -0.57 -15.24
C TRP A 554 -18.32 -1.36 -16.42
N ILE A 555 -18.38 -0.78 -17.63
CA ILE A 555 -19.01 -1.45 -18.82
C ILE A 555 -17.91 -1.70 -19.86
N GLN A 556 -17.41 -0.63 -20.50
CA GLN A 556 -16.61 -0.69 -21.76
C GLN A 556 -15.37 -1.56 -21.50
N GLU A 557 -14.59 -1.25 -20.46
CA GLU A 557 -13.26 -1.84 -20.19
C GLU A 557 -13.33 -3.01 -19.18
N ASN A 558 -14.53 -3.41 -18.74
CA ASN A 558 -14.77 -4.45 -17.69
C ASN A 558 -14.79 -5.83 -18.37
N PRO A 559 -13.74 -6.66 -18.23
CA PRO A 559 -13.74 -7.97 -18.86
C PRO A 559 -14.79 -8.98 -18.32
N TRP A 560 -15.47 -8.67 -17.21
CA TRP A 560 -16.48 -9.59 -16.61
C TRP A 560 -17.91 -9.28 -17.06
N MET A 561 -18.09 -8.31 -17.99
CA MET A 561 -19.37 -7.77 -18.53
C MET A 561 -19.42 -8.03 -20.05
N GLU A 562 -20.24 -8.98 -20.49
CA GLU A 562 -20.35 -9.38 -21.93
C GLU A 562 -21.12 -8.30 -22.71
N ASP A 563 -22.29 -7.89 -22.23
CA ASP A 563 -23.13 -6.86 -22.91
C ASP A 563 -22.55 -5.45 -22.67
N LYS A 564 -22.23 -4.72 -23.73
CA LYS A 564 -21.47 -3.44 -23.65
C LYS A 564 -22.39 -2.23 -23.84
N THR A 565 -23.70 -2.43 -23.65
CA THR A 565 -24.75 -1.37 -23.77
C THR A 565 -24.46 -0.25 -22.78
N PRO A 566 -24.10 0.97 -23.22
CA PRO A 566 -23.87 2.08 -22.30
C PRO A 566 -25.08 2.33 -21.39
N VAL A 567 -24.83 2.94 -20.23
CA VAL A 567 -25.88 3.45 -19.30
C VAL A 567 -26.13 4.94 -19.64
N GLU A 568 -27.40 5.34 -19.74
CA GLU A 568 -27.80 6.69 -20.28
C GLU A 568 -27.99 7.73 -19.18
N SER A 569 -28.12 7.33 -17.92
CA SER A 569 -28.25 8.27 -16.77
C SER A 569 -27.91 7.58 -15.45
N TRP A 570 -27.72 8.37 -14.40
CA TRP A 570 -27.33 7.84 -13.08
C TRP A 570 -28.46 6.96 -12.48
N GLU A 571 -29.70 7.07 -12.93
CA GLU A 571 -30.82 6.36 -12.26
C GLU A 571 -30.89 4.91 -12.74
N GLU A 572 -30.23 4.55 -13.84
CA GLU A 572 -30.02 3.15 -14.28
C GLU A 572 -29.05 2.41 -13.31
N ILE A 573 -28.28 3.18 -12.52
CA ILE A 573 -27.18 2.66 -11.66
C ILE A 573 -27.73 2.39 -10.25
N PRO A 574 -27.74 1.11 -9.82
CA PRO A 574 -28.39 0.71 -8.57
C PRO A 574 -27.66 1.01 -7.24
N TYR A 575 -28.40 0.89 -6.14
CA TYR A 575 -27.91 0.92 -4.74
C TYR A 575 -27.92 -0.49 -4.12
N LEU A 576 -27.17 -0.67 -3.04
CA LEU A 576 -27.33 -1.81 -2.11
C LEU A 576 -28.78 -1.79 -1.66
N GLY A 577 -29.31 -2.90 -1.15
CA GLY A 577 -30.57 -2.91 -0.39
C GLY A 577 -30.50 -1.94 0.80
N LYS A 578 -31.64 -1.36 1.17
CA LYS A 578 -31.71 -0.36 2.26
C LYS A 578 -31.16 -0.97 3.55
N ARG A 579 -31.52 -2.20 3.88
CA ARG A 579 -31.05 -2.86 5.14
C ARG A 579 -29.54 -3.13 5.04
N GLU A 580 -29.04 -3.57 3.89
CA GLU A 580 -27.57 -3.73 3.70
C GLU A 580 -26.87 -2.37 3.88
N ASP A 581 -27.44 -1.27 3.38
CA ASP A 581 -26.80 0.08 3.44
C ASP A 581 -26.65 0.49 4.90
N GLN A 582 -27.64 0.17 5.74
CA GLN A 582 -27.63 0.48 7.20
C GLN A 582 -26.58 -0.39 7.91
N TRP A 583 -26.56 -1.69 7.62
CA TRP A 583 -25.51 -2.61 8.12
C TRP A 583 -24.10 -2.03 7.87
N CYS A 584 -23.83 -1.41 6.71
CA CYS A 584 -22.47 -0.91 6.36
C CYS A 584 -22.34 0.57 6.75
N GLY A 585 -23.30 1.09 7.51
CA GLY A 585 -23.16 2.31 8.34
C GLY A 585 -24.02 3.48 7.90
N SER A 586 -24.97 3.32 6.96
CA SER A 586 -25.80 4.43 6.44
C SER A 586 -26.60 5.06 7.59
N LEU A 587 -26.87 6.37 7.51
CA LEU A 587 -27.76 7.10 8.44
C LEU A 587 -29.18 7.26 7.86
N ILE A 588 -29.46 6.57 6.76
CA ILE A 588 -30.83 6.50 6.15
C ILE A 588 -31.80 6.01 7.23
N GLY A 589 -32.91 6.73 7.44
CA GLY A 589 -33.91 6.39 8.47
C GLY A 589 -33.82 7.30 9.68
N LEU A 590 -32.72 8.06 9.89
CA LEU A 590 -32.62 9.08 10.97
C LEU A 590 -33.16 10.46 10.54
N THR A 591 -33.65 11.17 11.54
CA THR A 591 -34.19 12.56 11.47
C THR A 591 -33.10 13.49 10.96
N SER A 592 -31.94 13.53 11.62
CA SER A 592 -30.78 14.36 11.18
C SER A 592 -30.52 14.17 9.67
N ARG A 593 -30.57 12.93 9.16
CA ARG A 593 -30.19 12.59 7.77
C ARG A 593 -31.25 13.13 6.80
N ALA A 594 -32.53 12.99 7.13
CA ALA A 594 -33.68 13.47 6.33
C ALA A 594 -33.63 15.01 6.20
N THR A 595 -33.22 15.69 7.26
CA THR A 595 -33.18 17.16 7.30
C THR A 595 -32.07 17.65 6.38
N TRP A 596 -30.93 16.99 6.46
CA TRP A 596 -29.73 17.24 5.63
C TRP A 596 -30.11 17.10 4.13
N ALA A 597 -30.77 16.00 3.77
CA ALA A 597 -31.15 15.70 2.36
C ALA A 597 -32.17 16.73 1.85
N LYS A 598 -33.25 16.90 2.62
CA LYS A 598 -34.32 17.86 2.30
C LYS A 598 -33.70 19.21 1.95
N ASN A 599 -32.79 19.71 2.78
CA ASN A 599 -32.28 21.11 2.77
C ASN A 599 -30.88 21.23 2.14
N ILE A 600 -30.50 20.34 1.25
CA ILE A 600 -29.08 20.21 0.77
C ILE A 600 -28.62 21.46 -0.03
N GLN A 601 -29.54 22.10 -0.77
N GLN A 601 -29.52 22.11 -0.78
CA GLN A 601 -29.28 23.29 -1.61
CA GLN A 601 -29.19 23.29 -1.61
C GLN A 601 -28.84 24.48 -0.72
C GLN A 601 -28.82 24.49 -0.72
N THR A 602 -29.23 24.47 0.55
CA THR A 602 -28.82 25.51 1.53
C THR A 602 -27.38 25.28 2.00
N ALA A 603 -26.93 24.03 2.08
CA ALA A 603 -25.53 23.71 2.48
C ALA A 603 -24.64 24.07 1.30
N ILE A 604 -25.03 23.62 0.12
CA ILE A 604 -24.34 23.94 -1.16
C ILE A 604 -24.15 25.47 -1.29
N ASN A 605 -25.18 26.26 -1.04
CA ASN A 605 -25.12 27.73 -1.19
C ASN A 605 -24.19 28.33 -0.13
N GLN A 606 -24.13 27.74 1.07
CA GLN A 606 -23.24 28.26 2.15
C GLN A 606 -21.79 28.28 1.62
N VAL A 607 -21.35 27.16 1.04
CA VAL A 607 -19.95 26.94 0.56
C VAL A 607 -19.71 27.86 -0.67
N ARG A 608 -20.70 27.97 -1.58
CA ARG A 608 -20.59 28.83 -2.78
C ARG A 608 -20.36 30.28 -2.37
N SER A 609 -21.05 30.75 -1.33
CA SER A 609 -20.92 32.13 -0.79
C SER A 609 -19.50 32.38 -0.29
N LEU A 610 -18.87 31.38 0.33
CA LEU A 610 -17.50 31.49 0.94
C LEU A 610 -16.43 31.51 -0.16
N ILE A 611 -16.60 30.67 -1.17
CA ILE A 611 -15.64 30.53 -2.30
C ILE A 611 -15.77 31.76 -3.21
N GLY A 612 -17.00 32.17 -3.55
CA GLY A 612 -17.32 33.44 -4.26
C GLY A 612 -18.05 33.25 -5.58
N ASN A 613 -17.97 34.25 -6.46
CA ASN A 613 -18.77 34.38 -7.70
C ASN A 613 -18.03 33.70 -8.86
N GLU A 614 -18.23 32.40 -8.99
CA GLU A 614 -17.52 31.50 -9.94
C GLU A 614 -18.61 30.86 -10.79
N GLU A 615 -18.22 29.95 -11.68
CA GLU A 615 -19.14 29.16 -12.54
C GLU A 615 -19.38 27.80 -11.88
N TYR A 616 -20.60 27.56 -11.38
CA TYR A 616 -21.02 26.29 -10.71
C TYR A 616 -22.06 25.56 -11.58
N THR A 617 -22.15 24.24 -11.42
CA THR A 617 -23.20 23.35 -11.99
C THR A 617 -24.02 22.72 -10.84
N ASP A 618 -25.33 22.57 -11.02
CA ASP A 618 -26.21 21.79 -10.11
C ASP A 618 -26.24 20.34 -10.60
N TYR A 619 -25.60 19.44 -9.83
CA TYR A 619 -25.57 17.98 -10.08
C TYR A 619 -26.72 17.24 -9.35
N MET A 620 -27.58 17.90 -8.55
CA MET A 620 -28.58 17.19 -7.69
C MET A 620 -29.79 16.67 -8.49
N PRO A 621 -30.30 17.36 -9.55
CA PRO A 621 -31.32 16.78 -10.44
C PRO A 621 -30.95 15.49 -11.21
N SER A 622 -29.69 15.02 -11.12
CA SER A 622 -29.27 13.65 -11.55
C SER A 622 -29.87 12.59 -10.61
N MET A 623 -30.37 12.99 -9.44
CA MET A 623 -31.06 12.12 -8.46
C MET A 623 -32.58 12.24 -8.64
N LYS A 624 -33.32 11.16 -8.36
CA LYS A 624 -34.79 11.04 -8.60
C LYS A 624 -35.60 12.01 -7.72
N ARG A 625 -35.24 12.12 -6.44
CA ARG A 625 -36.00 12.89 -5.41
C ARG A 625 -35.83 14.39 -5.61
N PHE A 626 -34.75 14.82 -6.26
CA PHE A 626 -34.44 16.25 -6.56
C PHE A 626 -34.87 16.59 -7.99
N ARG A 627 -35.29 15.59 -8.76
CA ARG A 627 -35.75 15.76 -10.16
C ARG A 627 -37.26 16.06 -10.14
N ARG A 628 -37.63 17.27 -9.71
CA ARG A 628 -39.00 17.86 -9.86
C ARG A 628 -40.06 16.95 -9.20
ZN ZN B . -20.73 -3.26 2.69
ZN ZN C . 25.44 4.27 -0.48
O1 MES D . -12.95 28.84 4.95
O1 MES D . -12.93 28.54 5.05
C2 MES D . -13.46 29.32 6.19
C2 MES D . -13.57 28.99 6.23
C3 MES D . -13.41 28.26 7.26
C3 MES D . -13.98 27.83 7.11
N4 MES D . -14.17 27.04 6.83
N4 MES D . -14.91 26.93 6.36
C5 MES D . -13.65 26.57 5.50
C5 MES D . -14.26 26.51 5.08
C6 MES D . -13.70 27.72 4.51
C6 MES D . -13.83 27.72 4.30
C7 MES D . -14.10 25.96 7.86
C7 MES D . -15.35 25.76 7.18
C8 MES D . -15.37 25.13 7.95
C8 MES D . -14.39 25.42 8.31
S MES D . -15.37 24.01 9.34
S MES D . -15.15 24.37 9.54
O1S MES D . -15.73 24.79 10.48
O1S MES D . -16.57 24.59 9.44
O2S MES D . -16.33 22.99 9.00
O2S MES D . -14.77 23.02 9.20
O3S MES D . -14.03 23.48 9.43
O3S MES D . -14.61 24.79 10.80
S DMS E . -21.28 14.34 -9.95
O DMS E . -21.97 13.42 -10.96
C1 DMS E . -19.79 14.89 -10.75
C2 DMS E . -20.53 13.27 -8.76
S DMS F . -32.74 4.01 -8.70
O DMS F . -31.32 3.67 -9.09
C1 DMS F . -32.76 5.77 -8.44
C2 DMS F . -32.93 3.50 -7.01
S DMS G . -8.02 10.84 -2.74
O DMS G . -7.51 11.22 -4.09
C1 DMS G . -7.47 9.16 -2.50
C2 DMS G . -9.74 10.51 -2.94
P PO4 H . -6.15 -9.86 5.39
O1 PO4 H . -7.07 -10.18 6.60
O2 PO4 H . -5.09 -11.00 5.21
O3 PO4 H . -7.00 -9.70 4.10
O4 PO4 H . -5.47 -8.55 5.69
P PO4 I . 25.47 -13.49 -6.18
O1 PO4 I . 25.14 -12.59 -4.98
O2 PO4 I . 25.13 -14.94 -5.83
O3 PO4 I . 24.66 -13.05 -7.41
O4 PO4 I . 26.96 -13.39 -6.51
C1 PEG J . -9.47 -12.18 -16.28
O1 PEG J . -9.51 -10.80 -16.63
C2 PEG J . -10.20 -13.04 -17.27
O2 PEG J . -11.58 -12.69 -17.29
C3 PEG J . -12.40 -13.60 -17.99
C4 PEG J . -13.79 -13.60 -17.43
O4 PEG J . -14.76 -13.09 -18.34
N1 PYZ K . 15.07 10.31 12.47
N2 PYZ K . 13.90 10.74 11.96
C3 PYZ K . 14.13 12.00 11.61
C4 PYZ K . 15.43 12.36 11.88
I4 PYZ K . 16.33 14.20 11.48
C5 PYZ K . 16.01 11.26 12.44
#